data_2PIJ
#
_entry.id   2PIJ
#
_cell.length_a   40.940
_cell.length_b   40.940
_cell.length_c   123.500
_cell.angle_alpha   90.000
_cell.angle_beta   90.000
_cell.angle_gamma   120.000
#
_symmetry.space_group_name_H-M   'P 31 2 1'
#
loop_
_entity.id
_entity.type
_entity.pdbx_description
1 polymer 'Prophage Pfl 6 Cro'
2 non-polymer 'SULFATE ION'
3 non-polymer 'BICARBONATE ION'
4 non-polymer 2,3-DIHYDROXY-1,4-DITHIOBUTANE
5 water water
#
_entity_poly.entity_id   1
_entity_poly.type   'polypeptide(L)'
_entity_poly.pdbx_seq_one_letter_code
;(MSE)KKIPLSKYLEEHGTQSALAAALGVNQSAISQ(MSE)VRAGRSIEITLYEDGRVEANEIRPIPARPKRTAA
;
_entity_poly.pdbx_strand_id   A,B
#
# COMPACT_ATOMS: atom_id res chain seq x y z
N LYS A 2 -12.21 6.60 -6.73
CA LYS A 2 -11.75 7.56 -5.74
C LYS A 2 -11.01 6.74 -4.69
N LYS A 3 -9.83 7.17 -4.27
CA LYS A 3 -9.14 6.44 -3.21
C LYS A 3 -9.27 7.25 -1.93
N ILE A 4 -9.68 6.59 -0.86
CA ILE A 4 -9.78 7.30 0.41
CA ILE A 4 -10.03 7.24 0.43
C ILE A 4 -9.38 6.45 1.57
N PRO A 5 -8.78 7.12 2.56
CA PRO A 5 -8.28 6.31 3.65
C PRO A 5 -9.45 5.74 4.45
N LEU A 6 -9.20 4.63 5.14
CA LEU A 6 -10.30 3.87 5.82
C LEU A 6 -11.11 4.80 6.78
N SER A 7 -10.43 5.66 7.54
CA SER A 7 -11.05 6.52 8.57
C SER A 7 -12.08 7.36 7.93
N LYS A 8 -11.67 7.88 6.79
CA LYS A 8 -12.44 8.82 6.03
C LYS A 8 -13.64 8.16 5.34
N TYR A 9 -13.43 6.95 4.82
CA TYR A 9 -14.51 6.15 4.26
C TYR A 9 -15.59 5.95 5.36
N LEU A 10 -15.14 5.66 6.56
CA LEU A 10 -16.08 5.42 7.66
C LEU A 10 -16.78 6.69 8.15
N GLU A 11 -16.07 7.81 8.15
CA GLU A 11 -16.70 9.12 8.38
C GLU A 11 -17.74 9.53 7.32
N GLU A 12 -17.43 9.34 6.03
CA GLU A 12 -18.17 10.02 4.96
C GLU A 12 -18.99 9.12 4.03
N HIS A 13 -18.71 7.82 4.03
CA HIS A 13 -19.25 6.92 3.01
C HIS A 13 -19.96 5.69 3.47
N GLY A 14 -19.48 5.05 4.52
CA GLY A 14 -19.99 3.71 4.83
C GLY A 14 -19.77 3.37 6.27
N THR A 15 -19.99 2.10 6.59
CA THR A 15 -19.80 1.62 7.98
C THR A 15 -18.87 0.41 7.99
N GLN A 16 -18.38 0.03 9.17
CA GLN A 16 -17.44 -1.14 9.24
C GLN A 16 -18.14 -2.39 8.70
N SER A 17 -19.41 -2.55 9.12
CA SER A 17 -20.19 -3.71 8.72
C SER A 17 -20.40 -3.81 7.24
N ALA A 18 -20.89 -2.72 6.67
CA ALA A 18 -21.16 -2.70 5.22
C ALA A 18 -19.85 -2.86 4.37
N LEU A 19 -18.78 -2.24 4.82
CA LEU A 19 -17.52 -2.29 4.11
C LEU A 19 -16.99 -3.70 4.10
N ALA A 20 -16.95 -4.31 5.30
CA ALA A 20 -16.44 -5.67 5.47
C ALA A 20 -17.19 -6.61 4.52
N ALA A 21 -18.55 -6.57 4.53
CA ALA A 21 -19.36 -7.46 3.67
C ALA A 21 -19.05 -7.23 2.19
N ALA A 22 -18.86 -5.97 1.77
CA ALA A 22 -18.61 -5.67 0.34
C ALA A 22 -17.23 -6.09 -0.13
N LEU A 23 -16.26 -6.03 0.80
CA LEU A 23 -14.88 -6.47 0.58
C LEU A 23 -14.78 -7.99 0.60
N GLY A 24 -15.71 -8.65 1.28
CA GLY A 24 -15.64 -10.12 1.45
C GLY A 24 -14.80 -10.57 2.65
N VAL A 25 -14.76 -9.76 3.71
CA VAL A 25 -14.03 -10.13 4.94
C VAL A 25 -15.00 -10.09 6.12
N ASN A 26 -14.62 -10.67 7.25
CA ASN A 26 -15.46 -10.52 8.45
C ASN A 26 -15.29 -9.12 8.98
N GLN A 27 -16.32 -8.58 9.62
CA GLN A 27 -16.21 -7.22 10.19
C GLN A 27 -15.07 -7.12 11.20
N SER A 28 -14.88 -8.20 11.92
CA SER A 28 -13.78 -8.39 12.86
C SER A 28 -12.42 -8.01 12.23
N ALA A 29 -12.26 -8.27 10.94
CA ALA A 29 -11.01 -7.90 10.24
C ALA A 29 -10.88 -6.37 10.12
N ILE A 30 -11.95 -5.71 9.71
CA ILE A 30 -11.97 -4.24 9.71
C ILE A 30 -11.84 -3.67 11.12
N SER A 31 -12.48 -4.29 12.10
CA SER A 31 -12.44 -3.75 13.45
C SER A 31 -11.00 -3.74 13.93
N GLN A 32 -10.31 -4.85 13.69
CA GLN A 32 -8.91 -4.98 14.03
C GLN A 32 -8.03 -3.89 13.35
N VAL A 34 -8.98 -0.89 12.33
CA VAL A 34 -9.28 0.39 12.92
C VAL A 34 -8.54 0.48 14.26
N ARG A 35 -8.64 -0.58 15.06
CA ARG A 35 -8.02 -0.61 16.39
C ARG A 35 -6.47 -0.59 16.43
N ALA A 36 -5.81 -0.99 15.33
CA ALA A 36 -4.34 -1.10 15.31
C ALA A 36 -3.71 0.01 14.50
N GLY A 37 -4.57 0.93 14.07
CA GLY A 37 -4.13 2.11 13.28
C GLY A 37 -3.59 1.74 11.90
N ARG A 38 -4.02 0.62 11.33
CA ARG A 38 -3.36 0.15 10.14
C ARG A 38 -3.68 1.05 9.00
N SER A 39 -2.76 1.08 8.03
CA SER A 39 -2.85 2.05 6.95
C SER A 39 -3.61 1.42 5.82
N ILE A 40 -4.92 1.67 5.80
CA ILE A 40 -5.81 1.00 4.87
C ILE A 40 -6.42 2.05 3.93
N GLU A 41 -6.32 1.79 2.64
CA GLU A 41 -6.83 2.65 1.60
C GLU A 41 -8.00 1.92 0.88
N ILE A 42 -9.15 2.59 0.72
CA ILE A 42 -10.34 2.02 0.04
C ILE A 42 -10.44 2.70 -1.30
N THR A 43 -10.62 1.90 -2.35
CA THR A 43 -10.86 2.40 -3.69
C THR A 43 -12.34 2.21 -3.97
N LEU A 44 -13.04 3.30 -4.27
CA LEU A 44 -14.49 3.28 -4.46
C LEU A 44 -14.69 3.47 -5.98
N TYR A 45 -15.30 2.48 -6.64
CA TYR A 45 -15.47 2.50 -8.07
C TYR A 45 -16.84 3.07 -8.37
N GLU A 46 -17.04 3.49 -9.61
CA GLU A 46 -18.25 4.22 -10.03
C GLU A 46 -19.52 3.40 -9.88
N ASP A 47 -19.39 2.07 -10.01
CA ASP A 47 -20.52 1.14 -9.94
C ASP A 47 -20.83 0.73 -8.49
N GLY A 48 -20.06 1.26 -7.54
CA GLY A 48 -20.29 0.96 -6.13
C GLY A 48 -19.38 -0.11 -5.54
N ARG A 49 -18.64 -0.85 -6.38
CA ARG A 49 -17.71 -1.82 -5.83
C ARG A 49 -16.61 -1.06 -5.10
N VAL A 50 -16.02 -1.73 -4.15
CA VAL A 50 -14.91 -1.21 -3.42
C VAL A 50 -13.84 -2.25 -3.45
N GLU A 51 -12.59 -1.78 -3.44
CA GLU A 51 -11.51 -2.69 -3.07
C GLU A 51 -10.68 -2.00 -1.97
N ALA A 52 -9.99 -2.83 -1.19
CA ALA A 52 -9.17 -2.34 -0.08
C ALA A 52 -7.73 -2.82 -0.30
N ASN A 53 -6.79 -1.94 0.08
CA ASN A 53 -5.34 -2.28 0.21
C ASN A 53 -4.73 -1.71 1.48
N GLU A 54 -3.78 -2.46 2.03
CA GLU A 54 -2.95 -1.96 3.11
C GLU A 54 -1.64 -1.46 2.51
N ILE A 55 -1.30 -0.27 2.93
CA ILE A 55 -0.01 0.36 2.63
C ILE A 55 0.99 0.08 3.80
N ARG A 56 1.97 -0.78 3.52
CA ARG A 56 2.99 -1.18 4.48
C ARG A 56 4.32 -0.51 4.17
N PRO A 57 4.77 0.44 5.03
CA PRO A 57 6.04 1.10 4.83
C PRO A 57 7.22 0.08 4.81
N ILE A 58 8.21 0.36 3.96
CA ILE A 58 9.43 -0.41 3.83
C ILE A 58 10.62 0.58 4.05
N PRO A 59 11.49 0.30 5.03
CA PRO A 59 11.59 -0.87 5.95
C PRO A 59 10.39 -1.01 6.88
N LYS B 2 7.14 11.26 -8.07
CA LYS B 2 6.89 10.15 -8.98
C LYS B 2 6.74 8.85 -8.20
N LYS B 3 5.76 8.04 -8.60
CA LYS B 3 5.63 6.72 -8.01
C LYS B 3 5.71 5.63 -9.08
N ILE B 4 6.40 4.55 -8.75
CA ILE B 4 6.97 3.65 -9.71
C ILE B 4 7.11 2.25 -9.08
N PRO B 5 6.58 1.23 -9.77
CA PRO B 5 6.81 -0.11 -9.23
C PRO B 5 8.33 -0.45 -9.17
N LEU B 6 8.68 -1.29 -8.20
CA LEU B 6 10.07 -1.64 -7.89
C LEU B 6 10.88 -2.13 -9.06
N SER B 7 10.33 -3.12 -9.77
CA SER B 7 11.09 -3.70 -10.91
C SER B 7 11.32 -2.70 -12.00
N LYS B 8 10.34 -1.89 -12.33
CA LYS B 8 10.56 -0.78 -13.30
C LYS B 8 11.63 0.18 -12.79
N TYR B 9 11.54 0.58 -11.54
CA TYR B 9 12.58 1.44 -10.97
C TYR B 9 13.99 0.83 -11.21
N LEU B 10 14.20 -0.43 -10.79
CA LEU B 10 15.51 -1.08 -10.94
C LEU B 10 15.95 -1.29 -12.42
N GLU B 11 14.98 -1.64 -13.27
CA GLU B 11 15.25 -2.03 -14.67
C GLU B 11 15.60 -0.80 -15.51
N GLU B 12 15.09 0.34 -15.04
CA GLU B 12 15.05 1.55 -15.83
C GLU B 12 15.75 2.76 -15.22
N HIS B 13 15.83 2.81 -13.89
CA HIS B 13 16.38 3.99 -13.18
C HIS B 13 17.64 3.84 -12.35
N GLY B 14 17.57 3.05 -11.29
CA GLY B 14 18.59 3.10 -10.24
C GLY B 14 19.02 1.70 -9.89
N THR B 15 20.01 1.55 -9.04
CA THR B 15 20.51 0.20 -8.78
C THR B 15 19.99 -0.22 -7.45
N GLN B 16 20.12 -1.52 -7.20
CA GLN B 16 19.69 -2.04 -5.92
C GLN B 16 20.50 -1.40 -4.80
N SER B 17 21.80 -1.29 -5.04
CA SER B 17 22.76 -0.72 -4.13
C SER B 17 22.31 0.70 -3.75
N ALA B 18 22.05 1.51 -4.78
CA ALA B 18 21.62 2.90 -4.56
C ALA B 18 20.25 3.04 -3.85
N LEU B 19 19.27 2.29 -4.32
CA LEU B 19 17.97 2.27 -3.66
C LEU B 19 18.09 1.87 -2.15
N ALA B 20 18.87 0.83 -1.85
CA ALA B 20 19.04 0.33 -0.47
C ALA B 20 19.56 1.44 0.41
N ALA B 21 20.56 2.15 -0.12
CA ALA B 21 21.13 3.29 0.60
C ALA B 21 20.10 4.41 0.77
N ALA B 22 19.34 4.72 -0.27
CA ALA B 22 18.34 5.81 -0.15
C ALA B 22 17.13 5.45 0.74
N LEU B 23 16.82 4.16 0.86
CA LEU B 23 15.79 3.74 1.79
C LEU B 23 16.27 3.48 3.23
N GLY B 24 17.61 3.38 3.40
CA GLY B 24 18.24 3.00 4.67
C GLY B 24 17.89 1.57 5.01
N VAL B 25 17.83 0.71 4.00
CA VAL B 25 17.64 -0.74 4.21
C VAL B 25 18.83 -1.64 3.79
N ASN B 26 18.76 -2.88 4.29
CA ASN B 26 19.69 -3.94 3.94
C ASN B 26 19.47 -4.25 2.49
N GLN B 27 20.55 -4.16 1.73
CA GLN B 27 20.51 -4.54 0.34
C GLN B 27 19.78 -5.82 0.02
N SER B 28 19.98 -6.83 0.89
CA SER B 28 19.38 -8.17 0.67
C SER B 28 17.86 -8.15 0.91
N ALA B 29 17.34 -7.14 1.60
CA ALA B 29 15.85 -6.97 1.65
C ALA B 29 15.30 -6.66 0.24
N ILE B 30 16.03 -5.84 -0.52
CA ILE B 30 15.67 -5.50 -1.93
C ILE B 30 15.65 -6.72 -2.80
N SER B 31 16.75 -7.49 -2.71
CA SER B 31 16.87 -8.75 -3.38
C SER B 31 15.67 -9.63 -3.06
N GLN B 32 15.38 -9.81 -1.77
CA GLN B 32 14.23 -10.61 -1.35
C GLN B 32 12.88 -10.13 -1.95
N VAL B 34 12.39 -8.43 -4.79
CA VAL B 34 12.41 -8.81 -6.20
C VAL B 34 12.11 -10.31 -6.43
N ARG B 35 12.71 -11.19 -5.63
CA ARG B 35 12.56 -12.64 -5.80
C ARG B 35 11.13 -13.10 -5.60
N ALA B 36 10.53 -12.63 -4.51
CA ALA B 36 9.18 -13.01 -4.11
C ALA B 36 8.06 -12.26 -4.85
N GLY B 37 8.41 -11.40 -5.81
CA GLY B 37 7.40 -10.61 -6.56
C GLY B 37 6.46 -9.84 -5.65
N ARG B 38 7.00 -9.25 -4.59
CA ARG B 38 6.20 -8.47 -3.70
C ARG B 38 5.73 -7.19 -4.37
N SER B 39 4.53 -6.71 -4.02
CA SER B 39 4.03 -5.49 -4.68
C SER B 39 4.62 -4.22 -4.04
N ILE B 40 5.84 -3.89 -4.43
CA ILE B 40 6.53 -2.76 -3.84
C ILE B 40 6.50 -1.56 -4.79
N GLU B 41 6.09 -0.39 -4.26
CA GLU B 41 5.99 0.85 -4.98
C GLU B 41 7.04 1.82 -4.45
N ILE B 42 7.79 2.39 -5.36
CA ILE B 42 8.79 3.35 -5.00
C ILE B 42 8.26 4.79 -5.28
N THR B 43 8.39 5.65 -4.27
CA THR B 43 8.08 7.07 -4.40
C THR B 43 9.34 7.95 -4.37
N LEU B 44 9.46 8.81 -5.38
CA LEU B 44 10.60 9.73 -5.62
C LEU B 44 10.18 11.19 -5.44
N TYR B 45 10.72 11.84 -4.43
CA TYR B 45 10.38 13.25 -4.18
C TYR B 45 11.36 14.17 -4.82
N GLU B 46 10.88 15.40 -5.07
CA GLU B 46 11.65 16.48 -5.64
C GLU B 46 12.70 16.96 -4.64
N ASP B 47 12.44 16.78 -3.34
CA ASP B 47 13.44 17.15 -2.36
C ASP B 47 14.59 16.14 -2.24
N GLY B 48 14.54 15.06 -3.03
CA GLY B 48 15.56 14.01 -2.97
C GLY B 48 15.19 12.76 -2.19
N ARG B 49 14.28 12.89 -1.22
CA ARG B 49 13.79 11.71 -0.50
C ARG B 49 13.24 10.60 -1.40
N VAL B 50 13.38 9.37 -0.91
CA VAL B 50 12.87 8.20 -1.62
C VAL B 50 12.16 7.37 -0.57
N GLU B 51 10.93 6.96 -0.89
CA GLU B 51 10.20 6.09 0.00
C GLU B 51 9.77 4.80 -0.69
N ALA B 52 9.46 3.80 0.11
CA ALA B 52 9.04 2.49 -0.44
C ALA B 52 7.85 2.01 0.43
N ASN B 53 6.92 1.33 -0.23
CA ASN B 53 5.68 0.81 0.39
C ASN B 53 5.29 -0.45 -0.34
N GLU B 54 4.86 -1.44 0.41
CA GLU B 54 4.25 -2.60 -0.14
C GLU B 54 2.74 -2.32 -0.16
N ILE B 55 2.11 -2.53 -1.30
CA ILE B 55 0.64 -2.47 -1.44
C ILE B 55 0.06 -3.89 -1.36
N ARG B 56 -0.66 -4.13 -0.28
CA ARG B 56 -1.22 -5.46 -0.03
C ARG B 56 -2.74 -5.47 -0.12
N PRO B 57 -3.30 -6.32 -1.03
CA PRO B 57 -4.78 -6.35 -1.09
C PRO B 57 -5.41 -6.94 0.18
N ILE B 58 -6.64 -6.50 0.43
CA ILE B 58 -7.45 -6.92 1.56
C ILE B 58 -8.82 -7.31 0.96
N PRO B 59 -9.15 -8.60 1.03
CA PRO B 59 -8.32 -9.65 1.60
C PRO B 59 -7.15 -10.05 0.71
N ALA B 60 -6.21 -10.78 1.29
CA ALA B 60 -5.06 -11.31 0.52
C ALA B 60 -5.46 -12.51 -0.32
#